data_4UGN
#
_entry.id   4UGN
#
_cell.length_a   80.650
_cell.length_b   94.940
_cell.length_c   62.920
_cell.angle_alpha   90.00
_cell.angle_beta   90.00
_cell.angle_gamma   90.00
#
_symmetry.space_group_name_H-M   'P 21 21 2'
#
loop_
_entity.id
_entity.type
_entity.pdbx_description
1 polymer 'NITRIC OXIDE SYNTHASE OXYGENASE'
2 non-polymer 'PROTOPORPHYRIN IX CONTAINING FE'
3 non-polymer 5,6,7,8-TETRAHYDROBIOPTERIN
4 non-polymer 'CHLORIDE ION'
5 non-polymer (S)-N-(3-(((Pyrrolidin-2-ylmethyl)amino)methyl)phenyl)thiophene-2-carboximidamide
6 non-polymer GLYCEROL
7 water water
#
_entity_poly.entity_id   1
_entity_poly.type   'polypeptide(L)'
_entity_poly.pdbx_seq_one_letter_code
;MEEKEILWNEAKAFIAACYQELGKAAEVKDRLADIKSEIDLTGSYVHTKEELEHGAKMAWRNSNRCIGRLFWNSLNVIDR
RDVRTKEEVRDALFHHIETATNNGKIRPTITIFPPEEKGEKQVEIWNHQLIRYAGYESDGERIGDPASCSLTAACEELGW
RGERTDFDLLPLIFRMKGDEQPVWYELPRSLVIEVPITHPDIEAFSDLELKWYGVPIISDMKLEVGGIHYNAAPFNGWYM
GTEIGARNLADEKRYDKLKKVASVIGIAADYNTDLWKDQALVELNKAVLHSYKKQGVSIVDHHTAASQFKRFEEQAEEAG
RKLTGDWTWLIPPISPAATHIFHRSYDNSIVKPNYFYQDKPYE
;
_entity_poly.pdbx_strand_id   A
#
loop_
_chem_comp.id
_chem_comp.type
_chem_comp.name
_chem_comp.formula
CL non-polymer 'CHLORIDE ION' 'Cl -1'
GOL non-polymer GLYCEROL 'C3 H8 O3'
H49 non-polymer (S)-N-(3-(((Pyrrolidin-2-ylmethyl)amino)methyl)phenyl)thiophene-2-carboximidamide 'C17 H22 N4 S'
H4B non-polymer 5,6,7,8-TETRAHYDROBIOPTERIN 'C9 H15 N5 O3'
HEM non-polymer 'PROTOPORPHYRIN IX CONTAINING FE' 'C34 H32 Fe N4 O4'
#
# COMPACT_ATOMS: atom_id res chain seq x y z
N GLU A 2 -8.41 -9.07 30.37
CA GLU A 2 -8.99 -9.29 29.06
C GLU A 2 -7.98 -9.12 27.92
N GLU A 3 -7.20 -8.05 27.97
CA GLU A 3 -6.24 -7.75 26.91
C GLU A 3 -5.11 -8.76 26.81
N LYS A 4 -4.61 -9.21 27.95
CA LYS A 4 -3.61 -10.29 27.98
C LYS A 4 -4.18 -11.58 27.42
N GLU A 5 -5.48 -11.78 27.67
CA GLU A 5 -6.16 -12.97 27.19
C GLU A 5 -6.35 -12.93 25.67
N ILE A 6 -6.73 -11.76 25.17
CA ILE A 6 -6.82 -11.55 23.72
C ILE A 6 -5.49 -11.88 23.08
N LEU A 7 -4.42 -11.40 23.70
CA LEU A 7 -3.06 -11.61 23.21
C LEU A 7 -2.71 -13.09 23.16
N TRP A 8 -2.98 -13.80 24.24
CA TRP A 8 -2.67 -15.23 24.35
C TRP A 8 -3.48 -16.06 23.36
N ASN A 9 -4.76 -15.75 23.20
CA ASN A 9 -5.62 -16.46 22.26
C ASN A 9 -5.19 -16.24 20.81
N GLU A 10 -4.86 -14.99 20.47
CA GLU A 10 -4.40 -14.66 19.14
C GLU A 10 -3.04 -15.31 18.86
N ALA A 11 -2.22 -15.42 19.91
CA ALA A 11 -0.89 -16.01 19.78
C ALA A 11 -0.98 -17.52 19.50
N LYS A 12 -1.79 -18.21 20.29
CA LYS A 12 -2.02 -19.64 20.10
C LYS A 12 -2.46 -19.97 18.67
N ALA A 13 -3.43 -19.22 18.16
CA ALA A 13 -3.94 -19.49 16.81
C ALA A 13 -2.87 -19.22 15.75
N PHE A 14 -2.11 -18.15 15.92
CA PHE A 14 -1.10 -17.79 14.94
C PHE A 14 0.05 -18.80 14.90
N ILE A 15 0.62 -19.12 16.07
CA ILE A 15 1.76 -20.01 16.13
C ILE A 15 1.41 -21.40 15.60
N ALA A 16 0.25 -21.90 15.99
CA ALA A 16 -0.22 -23.19 15.49
C ALA A 16 -0.31 -23.20 13.97
N ALA A 17 -0.89 -22.16 13.40
CA ALA A 17 -1.07 -22.09 11.95
C ALA A 17 0.25 -21.86 11.23
N CYS A 18 1.05 -20.93 11.73
CA CYS A 18 2.34 -20.60 11.14
C CYS A 18 3.28 -21.81 11.13
N TYR A 19 3.47 -22.42 12.29
CA TYR A 19 4.38 -23.56 12.40
C TYR A 19 3.87 -24.75 11.60
N GLN A 20 2.55 -24.83 11.47
CA GLN A 20 1.92 -25.86 10.64
C GLN A 20 2.38 -25.70 9.20
N GLU A 21 2.24 -24.48 8.69
CA GLU A 21 2.62 -24.18 7.31
C GLU A 21 4.12 -24.33 7.10
N LEU A 22 4.90 -24.09 8.16
CA LEU A 22 6.36 -24.16 8.07
C LEU A 22 6.90 -25.56 8.41
N GLY A 23 6.01 -26.55 8.48
CA GLY A 23 6.38 -27.90 8.85
C GLY A 23 7.10 -28.00 10.19
N LYS A 24 6.71 -27.13 11.12
CA LYS A 24 7.32 -27.12 12.45
C LYS A 24 6.29 -27.43 13.54
N ALA A 25 5.29 -28.22 13.19
CA ALA A 25 4.17 -28.48 14.11
C ALA A 25 4.60 -29.05 15.47
N ALA A 26 5.70 -29.80 15.49
CA ALA A 26 6.17 -30.44 16.72
C ALA A 26 6.71 -29.43 17.73
N GLU A 27 7.02 -28.24 17.26
CA GLU A 27 7.65 -27.22 18.10
C GLU A 27 6.63 -26.27 18.71
N VAL A 28 5.38 -26.42 18.32
CA VAL A 28 4.31 -25.56 18.79
C VAL A 28 4.15 -25.56 20.32
N LYS A 29 4.08 -26.76 20.91
CA LYS A 29 3.88 -26.90 22.34
C LYS A 29 4.91 -26.13 23.16
N ASP A 30 6.19 -26.36 22.87
CA ASP A 30 7.27 -25.71 23.59
C ASP A 30 7.30 -24.20 23.36
N ARG A 31 7.05 -23.78 22.13
CA ARG A 31 7.07 -22.36 21.80
C ARG A 31 5.89 -21.64 22.47
N LEU A 32 4.74 -22.29 22.49
CA LEU A 32 3.56 -21.74 23.16
C LEU A 32 3.82 -21.56 24.66
N ALA A 33 4.58 -22.48 25.25
CA ALA A 33 4.92 -22.40 26.67
C ALA A 33 5.77 -21.17 26.95
N ASP A 34 6.84 -21.00 26.17
CA ASP A 34 7.72 -19.86 26.30
C ASP A 34 6.95 -18.54 26.16
N ILE A 35 6.04 -18.51 25.20
CA ILE A 35 5.22 -17.32 24.96
C ILE A 35 4.32 -16.99 26.16
N LYS A 36 3.62 -17.98 26.69
CA LYS A 36 2.71 -17.74 27.80
C LYS A 36 3.45 -17.24 29.03
N SER A 37 4.62 -17.81 29.29
CA SER A 37 5.48 -17.33 30.37
C SER A 37 5.90 -15.89 30.10
N GLU A 38 6.25 -15.60 28.87
CA GLU A 38 6.69 -14.28 28.48
C GLU A 38 5.56 -13.25 28.61
N ILE A 39 4.37 -13.64 28.19
CA ILE A 39 3.19 -12.79 28.34
C ILE A 39 2.90 -12.54 29.82
N ASP A 40 2.89 -13.62 30.59
CA ASP A 40 2.67 -13.54 32.04
C ASP A 40 3.60 -12.52 32.70
N LEU A 41 4.87 -12.56 32.33
CA LEU A 41 5.89 -11.77 33.01
C LEU A 41 6.05 -10.34 32.45
N THR A 42 5.88 -10.17 31.14
CA THR A 42 6.15 -8.89 30.50
C THR A 42 4.91 -8.21 29.90
N GLY A 43 3.81 -8.96 29.77
CA GLY A 43 2.60 -8.39 29.21
C GLY A 43 2.58 -8.42 27.69
N SER A 44 3.62 -9.01 27.09
CA SER A 44 3.70 -9.15 25.65
C SER A 44 4.68 -10.27 25.28
N TYR A 45 4.93 -10.46 23.98
CA TYR A 45 5.91 -11.44 23.54
C TYR A 45 6.57 -11.03 22.23
N VAL A 46 7.77 -11.55 21.99
CA VAL A 46 8.57 -11.16 20.84
C VAL A 46 8.60 -12.27 19.78
N HIS A 47 8.27 -11.92 18.53
CA HIS A 47 8.29 -12.89 17.45
C HIS A 47 9.72 -13.26 17.05
N THR A 48 9.92 -14.52 16.69
CA THR A 48 11.17 -14.92 16.05
C THR A 48 11.18 -14.30 14.67
N LYS A 49 12.34 -14.24 14.03
CA LYS A 49 12.42 -13.65 12.68
C LYS A 49 11.58 -14.47 11.69
N GLU A 50 11.53 -15.78 11.91
CA GLU A 50 10.75 -16.67 11.05
C GLU A 50 9.25 -16.38 11.17
N GLU A 51 8.78 -16.24 12.41
CA GLU A 51 7.36 -15.93 12.66
C GLU A 51 6.99 -14.59 12.03
N LEU A 52 7.85 -13.59 12.22
CA LEU A 52 7.57 -12.24 11.73
C LEU A 52 7.46 -12.25 10.21
N GLU A 53 8.43 -12.88 9.56
CA GLU A 53 8.45 -12.97 8.10
C GLU A 53 7.22 -13.70 7.56
N HIS A 54 6.93 -14.88 8.10
CA HIS A 54 5.79 -15.63 7.63
C HIS A 54 4.47 -14.95 7.99
N GLY A 55 4.44 -14.30 9.16
CA GLY A 55 3.28 -13.53 9.58
C GLY A 55 2.92 -12.42 8.61
N ALA A 56 3.91 -11.68 8.15
CA ALA A 56 3.67 -10.59 7.20
C ALA A 56 3.19 -11.14 5.86
N LYS A 57 3.67 -12.33 5.51
CA LYS A 57 3.24 -12.99 4.27
C LYS A 57 1.79 -13.47 4.38
N MET A 58 1.46 -14.14 5.50
CA MET A 58 0.08 -14.58 5.73
C MET A 58 -0.86 -13.38 5.72
N ALA A 59 -0.42 -12.28 6.33
CA ALA A 59 -1.23 -11.07 6.38
C ALA A 59 -1.58 -10.57 4.98
N TRP A 60 -0.61 -10.61 4.08
CA TRP A 60 -0.86 -10.24 2.68
C TRP A 60 -1.83 -11.24 2.05
N ARG A 61 -1.60 -12.53 2.28
CA ARG A 61 -2.43 -13.59 1.75
C ARG A 61 -3.89 -13.44 2.21
N ASN A 62 -4.10 -12.81 3.36
CA ASN A 62 -5.45 -12.66 3.92
C ASN A 62 -6.11 -11.32 3.58
N SER A 63 -5.43 -10.49 2.80
CA SER A 63 -5.98 -9.16 2.48
C SER A 63 -7.07 -9.27 1.42
N ASN A 64 -8.31 -9.34 1.89
CA ASN A 64 -9.48 -9.54 1.04
C ASN A 64 -9.61 -8.63 -0.18
N ARG A 65 -9.09 -7.41 -0.07
CA ARG A 65 -9.26 -6.43 -1.13
C ARG A 65 -8.13 -6.44 -2.15
N CYS A 66 -7.17 -7.34 -1.96
CA CYS A 66 -5.96 -7.33 -2.79
C CYS A 66 -6.00 -8.34 -3.94
N ILE A 67 -5.92 -7.81 -5.16
CA ILE A 67 -5.93 -8.64 -6.35
C ILE A 67 -4.53 -9.22 -6.64
N GLY A 68 -3.51 -8.70 -5.95
CA GLY A 68 -2.14 -9.09 -6.26
C GLY A 68 -1.60 -10.22 -5.41
N ARG A 69 -2.48 -10.92 -4.70
CA ARG A 69 -2.06 -11.88 -3.69
C ARG A 69 -1.36 -13.16 -4.18
N LEU A 70 -1.34 -13.43 -5.48
CA LEU A 70 -0.65 -14.63 -5.99
C LEU A 70 0.78 -14.72 -5.45
N PHE A 71 1.40 -13.57 -5.27
CA PHE A 71 2.83 -13.52 -4.96
C PHE A 71 3.15 -13.36 -3.47
N TRP A 72 2.18 -13.69 -2.61
CA TRP A 72 2.29 -13.48 -1.17
C TRP A 72 3.55 -14.10 -0.54
N ASN A 73 3.97 -15.24 -1.06
CA ASN A 73 5.08 -15.96 -0.45
C ASN A 73 6.46 -15.43 -0.82
N SER A 74 6.52 -14.50 -1.77
CA SER A 74 7.80 -13.94 -2.17
C SER A 74 8.03 -12.54 -1.63
N LEU A 75 7.17 -12.10 -0.71
CA LEU A 75 7.35 -10.80 -0.04
C LEU A 75 8.75 -10.73 0.60
N ASN A 76 9.43 -9.61 0.38
CA ASN A 76 10.71 -9.35 1.01
C ASN A 76 10.49 -8.62 2.34
N VAL A 77 10.78 -9.29 3.46
CA VAL A 77 10.52 -8.74 4.78
C VAL A 77 11.79 -8.19 5.41
N ILE A 78 11.79 -6.91 5.78
CA ILE A 78 12.92 -6.29 6.44
C ILE A 78 12.60 -6.06 7.93
N ASP A 79 13.39 -6.66 8.81
CA ASP A 79 13.13 -6.59 10.25
C ASP A 79 13.84 -5.39 10.88
N ARG A 80 13.10 -4.32 11.17
CA ARG A 80 13.71 -3.16 11.82
C ARG A 80 13.17 -2.88 13.24
N ARG A 81 12.91 -3.95 13.99
CA ARG A 81 12.45 -3.83 15.36
C ARG A 81 13.56 -3.29 16.27
N ASP A 82 14.75 -3.13 15.70
CA ASP A 82 15.90 -2.64 16.44
C ASP A 82 16.04 -1.11 16.48
N VAL A 83 15.22 -0.39 15.70
CA VAL A 83 15.37 1.06 15.65
C VAL A 83 14.96 1.76 16.95
N ARG A 84 15.72 2.78 17.35
CA ARG A 84 15.42 3.54 18.56
C ARG A 84 15.44 5.05 18.33
N THR A 85 16.04 5.48 17.21
CA THR A 85 16.17 6.91 16.94
C THR A 85 15.50 7.32 15.64
N LYS A 86 15.17 8.60 15.52
CA LYS A 86 14.48 9.09 14.33
C LYS A 86 15.39 9.04 13.10
N GLU A 87 16.69 9.22 13.31
CA GLU A 87 17.65 9.05 12.22
C GLU A 87 17.60 7.63 11.68
N GLU A 88 17.53 6.65 12.57
CA GLU A 88 17.42 5.24 12.16
C GLU A 88 16.11 4.97 11.43
N VAL A 89 15.02 5.56 11.90
CA VAL A 89 13.74 5.40 11.22
C VAL A 89 13.81 6.01 9.81
N ARG A 90 14.35 7.22 9.74
CA ARG A 90 14.50 7.92 8.46
C ARG A 90 15.33 7.09 7.49
N ASP A 91 16.48 6.62 7.95
CA ASP A 91 17.37 5.85 7.09
C ASP A 91 16.75 4.52 6.68
N ALA A 92 15.97 3.91 7.57
CA ALA A 92 15.22 2.70 7.24
C ALA A 92 14.15 2.97 6.18
N LEU A 93 13.54 4.15 6.21
CA LEU A 93 12.54 4.50 5.22
C LEU A 93 13.20 4.79 3.87
N PHE A 94 14.29 5.55 3.91
CA PHE A 94 15.10 5.80 2.71
C PHE A 94 15.53 4.50 2.06
N HIS A 95 16.07 3.58 2.87
CA HIS A 95 16.50 2.28 2.37
C HIS A 95 15.35 1.49 1.75
N HIS A 96 14.18 1.53 2.38
CA HIS A 96 13.02 0.81 1.85
C HIS A 96 12.71 1.31 0.44
N ILE A 97 12.65 2.63 0.27
CA ILE A 97 12.39 3.19 -1.06
C ILE A 97 13.41 2.70 -2.07
N GLU A 98 14.69 2.70 -1.68
CA GLU A 98 15.76 2.33 -2.59
C GLU A 98 15.65 0.86 -3.01
N THR A 99 15.57 -0.04 -2.02
CA THR A 99 15.61 -1.48 -2.32
C THR A 99 14.31 -1.97 -2.96
N ALA A 100 13.19 -1.33 -2.63
CA ALA A 100 11.92 -1.72 -3.23
C ALA A 100 11.86 -1.25 -4.68
N THR A 101 12.37 -0.04 -4.92
CA THR A 101 12.38 0.52 -6.27
C THR A 101 13.25 -0.33 -7.21
N ASN A 102 14.45 -0.67 -6.74
CA ASN A 102 15.33 -1.58 -7.47
C ASN A 102 15.50 -1.15 -8.92
N ASN A 103 15.78 0.13 -9.14
CA ASN A 103 15.99 0.69 -10.48
C ASN A 103 14.79 0.50 -11.42
N GLY A 104 13.60 0.32 -10.87
CA GLY A 104 12.41 0.15 -11.70
C GLY A 104 11.81 -1.25 -11.63
N LYS A 105 12.65 -2.25 -11.41
CA LYS A 105 12.15 -3.62 -11.25
C LYS A 105 11.70 -3.84 -9.82
N ILE A 106 10.50 -3.35 -9.51
CA ILE A 106 10.02 -3.26 -8.14
C ILE A 106 10.02 -4.59 -7.38
N ARG A 107 10.57 -4.57 -6.16
CA ARG A 107 10.54 -5.71 -5.25
C ARG A 107 9.49 -5.48 -4.18
N PRO A 108 8.45 -6.33 -4.14
CA PRO A 108 7.46 -6.20 -3.06
C PRO A 108 8.17 -6.36 -1.72
N THR A 109 8.05 -5.36 -0.85
CA THR A 109 8.86 -5.29 0.35
C THR A 109 8.05 -4.71 1.51
N ILE A 110 8.34 -5.18 2.72
CA ILE A 110 7.77 -4.56 3.91
C ILE A 110 8.89 -4.32 4.92
N THR A 111 8.90 -3.13 5.52
CA THR A 111 9.84 -2.84 6.59
C THR A 111 9.05 -2.81 7.88
N ILE A 112 9.47 -3.59 8.87
CA ILE A 112 8.71 -3.72 10.11
C ILE A 112 9.41 -3.06 11.31
N PHE A 113 8.75 -2.05 11.87
CA PHE A 113 9.30 -1.29 13.00
C PHE A 113 8.78 -1.86 14.32
N PRO A 114 9.38 -1.44 15.48
CA PRO A 114 8.88 -1.95 16.75
C PRO A 114 7.37 -1.80 16.88
N PRO A 115 6.70 -2.81 17.46
CA PRO A 115 5.24 -2.80 17.56
C PRO A 115 4.76 -1.99 18.77
N GLU A 116 3.46 -1.73 18.85
CA GLU A 116 2.90 -1.08 20.03
C GLU A 116 3.21 -1.91 21.28
N GLU A 117 3.35 -1.26 22.43
CA GLU A 117 3.58 -2.02 23.65
C GLU A 117 2.32 -2.14 24.51
N LYS A 118 1.88 -1.04 25.10
CA LYS A 118 0.62 -1.03 25.83
C LYS A 118 -0.42 -0.27 25.03
N GLY A 119 -0.46 -0.55 23.72
CA GLY A 119 -1.21 0.29 22.80
C GLY A 119 -0.44 1.56 22.51
N GLU A 120 0.71 1.71 23.18
CA GLU A 120 1.57 2.86 22.99
C GLU A 120 2.49 2.65 21.79
N LYS A 121 2.42 3.57 20.83
CA LYS A 121 3.25 3.47 19.64
C LYS A 121 4.71 3.85 19.91
N GLN A 122 5.63 3.10 19.30
CA GLN A 122 7.04 3.40 19.41
C GLN A 122 7.42 4.39 18.31
N VAL A 123 6.84 4.17 17.14
CA VAL A 123 7.06 5.00 15.98
C VAL A 123 5.70 5.22 15.32
N GLU A 124 5.39 6.47 15.01
CA GLU A 124 4.08 6.83 14.46
C GLU A 124 4.26 7.55 13.11
N ILE A 125 3.99 6.84 12.02
CA ILE A 125 4.19 7.41 10.68
C ILE A 125 2.96 8.17 10.23
N TRP A 126 3.13 9.41 9.79
CA TRP A 126 2.00 10.24 9.37
C TRP A 126 1.63 10.09 7.89
N ASN A 127 2.61 9.79 7.05
CA ASN A 127 2.38 9.62 5.62
C ASN A 127 1.37 8.52 5.32
N HIS A 128 0.53 8.75 4.29
CA HIS A 128 -0.32 7.68 3.78
C HIS A 128 0.53 6.75 2.93
N GLN A 129 1.36 7.34 2.07
CA GLN A 129 2.38 6.59 1.33
C GLN A 129 3.71 7.32 1.49
N LEU A 130 4.81 6.57 1.46
CA LEU A 130 6.14 7.18 1.62
C LEU A 130 6.40 8.21 0.53
N ILE A 131 5.96 7.88 -0.68
CA ILE A 131 6.04 8.82 -1.80
C ILE A 131 4.63 9.19 -2.21
N ARG A 132 4.30 10.48 -2.06
CA ARG A 132 2.99 10.98 -2.45
C ARG A 132 3.03 12.48 -2.74
N TYR A 133 2.07 12.96 -3.53
CA TYR A 133 2.05 14.36 -3.91
C TYR A 133 1.20 15.19 -2.95
N ALA A 134 1.65 16.42 -2.70
CA ALA A 134 0.93 17.33 -1.81
C ALA A 134 -0.35 17.81 -2.46
N GLY A 135 -1.22 18.40 -1.66
CA GLY A 135 -2.47 18.96 -2.16
C GLY A 135 -2.82 20.23 -1.44
N TYR A 136 -3.40 21.19 -2.18
CA TYR A 136 -3.71 22.49 -1.63
C TYR A 136 -5.10 22.94 -2.05
N GLU A 137 -5.78 23.63 -1.15
CA GLU A 137 -7.09 24.20 -1.42
C GLU A 137 -7.17 25.53 -0.68
N SER A 138 -7.02 26.62 -1.43
CA SER A 138 -7.14 27.96 -0.86
C SER A 138 -8.12 28.75 -1.71
N ASP A 139 -9.13 29.33 -1.07
CA ASP A 139 -10.23 30.02 -1.77
C ASP A 139 -10.69 29.34 -3.06
N GLY A 140 -10.73 28.02 -3.04
CA GLY A 140 -11.12 27.28 -4.22
C GLY A 140 -10.05 27.26 -5.30
N GLU A 141 -8.84 27.67 -4.95
CA GLU A 141 -7.69 27.40 -5.82
C GLU A 141 -7.23 25.98 -5.51
N ARG A 142 -7.44 25.06 -6.45
CA ARG A 142 -7.10 23.66 -6.24
C ARG A 142 -5.76 23.34 -6.92
N ILE A 143 -4.82 22.83 -6.14
CA ILE A 143 -3.51 22.44 -6.67
C ILE A 143 -3.12 21.08 -6.12
N GLY A 144 -2.59 20.21 -6.97
CA GLY A 144 -2.09 18.93 -6.53
C GLY A 144 -3.16 17.89 -6.22
N ASP A 145 -2.86 17.00 -5.28
CA ASP A 145 -3.73 15.87 -4.96
C ASP A 145 -4.66 16.22 -3.80
N PRO A 146 -5.97 16.36 -4.06
CA PRO A 146 -6.87 16.75 -2.98
C PRO A 146 -6.84 15.74 -1.82
N ALA A 147 -6.53 14.48 -2.11
CA ALA A 147 -6.47 13.47 -1.06
C ALA A 147 -5.40 13.79 -0.01
N SER A 148 -4.44 14.65 -0.37
CA SER A 148 -3.33 14.99 0.52
C SER A 148 -3.48 16.33 1.24
N CYS A 149 -4.63 16.97 1.09
CA CYS A 149 -4.84 18.31 1.64
C CYS A 149 -4.61 18.44 3.14
N SER A 150 -5.12 17.49 3.92
CA SER A 150 -5.02 17.60 5.37
C SER A 150 -3.60 17.31 5.87
N LEU A 151 -2.94 16.32 5.29
CA LEU A 151 -1.55 16.02 5.65
C LEU A 151 -0.63 17.17 5.23
N THR A 152 -0.90 17.74 4.06
CA THR A 152 -0.14 18.88 3.56
C THR A 152 -0.25 20.06 4.51
N ALA A 153 -1.48 20.35 4.95
CA ALA A 153 -1.69 21.42 5.91
C ALA A 153 -0.94 21.14 7.22
N ALA A 154 -0.93 19.87 7.63
CA ALA A 154 -0.23 19.49 8.85
C ALA A 154 1.28 19.71 8.73
N CYS A 155 1.86 19.31 7.61
CA CYS A 155 3.30 19.53 7.38
C CYS A 155 3.64 21.01 7.38
N GLU A 156 2.77 21.83 6.81
CA GLU A 156 3.03 23.26 6.75
C GLU A 156 2.84 23.93 8.11
N GLU A 157 2.36 23.16 9.08
CA GLU A 157 2.29 23.64 10.46
C GLU A 157 3.63 23.37 11.14
N LEU A 158 4.41 22.46 10.55
CA LEU A 158 5.65 22.02 11.17
C LEU A 158 6.89 22.65 10.55
N GLY A 159 6.70 23.72 9.79
CA GLY A 159 7.81 24.46 9.21
C GLY A 159 8.15 24.13 7.76
N TRP A 160 7.48 23.13 7.21
CA TRP A 160 7.68 22.77 5.81
C TRP A 160 6.86 23.73 4.93
N ARG A 161 7.29 23.92 3.69
CA ARG A 161 6.53 24.71 2.73
C ARG A 161 6.63 24.04 1.36
N GLY A 162 5.47 23.81 0.74
CA GLY A 162 5.43 23.21 -0.58
C GLY A 162 5.57 24.26 -1.66
N GLU A 163 6.06 23.85 -2.82
CA GLU A 163 6.25 24.77 -3.93
C GLU A 163 4.94 25.07 -4.65
N ARG A 164 3.93 24.25 -4.37
CA ARG A 164 2.61 24.41 -4.97
C ARG A 164 2.60 24.18 -6.48
N THR A 165 3.32 23.15 -6.92
CA THR A 165 3.11 22.57 -8.22
C THR A 165 2.05 21.50 -8.00
N ASP A 166 1.58 20.86 -9.07
CA ASP A 166 0.61 19.78 -8.93
C ASP A 166 1.26 18.49 -8.43
N PHE A 167 2.59 18.49 -8.32
CA PHE A 167 3.31 17.28 -7.97
C PHE A 167 4.43 17.52 -6.97
N ASP A 168 4.15 18.30 -5.92
CA ASP A 168 5.09 18.44 -4.82
C ASP A 168 5.21 17.12 -4.09
N LEU A 169 6.44 16.64 -3.90
CA LEU A 169 6.65 15.46 -3.08
C LEU A 169 6.51 15.85 -1.61
N LEU A 170 5.65 15.15 -0.88
CA LEU A 170 5.54 15.41 0.56
C LEU A 170 6.81 14.90 1.20
N PRO A 171 7.22 15.52 2.32
CA PRO A 171 8.37 14.99 3.05
C PRO A 171 7.92 13.76 3.83
N LEU A 172 8.86 12.95 4.29
CA LEU A 172 8.53 11.91 5.25
C LEU A 172 8.18 12.63 6.55
N ILE A 173 7.14 12.17 7.21
CA ILE A 173 6.81 12.76 8.50
C ILE A 173 6.35 11.69 9.47
N PHE A 174 6.99 11.66 10.63
CA PHE A 174 6.72 10.63 11.63
C PHE A 174 7.10 11.12 13.01
N ARG A 175 6.50 10.51 14.02
CA ARG A 175 6.75 10.91 15.40
C ARG A 175 7.30 9.73 16.22
N MET A 176 8.32 10.00 17.04
CA MET A 176 8.88 9.00 17.92
C MET A 176 8.18 9.06 19.27
N LYS A 177 8.02 7.90 19.91
CA LYS A 177 7.50 7.84 21.28
C LYS A 177 8.29 8.79 22.16
N GLY A 178 7.59 9.67 22.88
CA GLY A 178 8.26 10.59 23.77
C GLY A 178 8.27 12.01 23.26
N ASP A 179 8.16 12.17 21.94
CA ASP A 179 8.12 13.49 21.33
C ASP A 179 6.68 13.93 21.17
N GLU A 180 6.41 15.22 21.36
CA GLU A 180 5.08 15.76 21.15
C GLU A 180 4.77 15.98 19.67
N GLN A 181 5.78 16.41 18.92
CA GLN A 181 5.59 16.73 17.51
C GLN A 181 6.36 15.78 16.60
N PRO A 182 5.79 15.46 15.43
CA PRO A 182 6.55 14.65 14.48
C PRO A 182 7.72 15.45 13.92
N VAL A 183 8.67 14.77 13.31
CA VAL A 183 9.72 15.44 12.56
C VAL A 183 9.44 15.22 11.09
N TRP A 184 10.04 16.02 10.22
CA TRP A 184 9.90 15.80 8.79
C TRP A 184 11.23 15.88 8.06
N TYR A 185 11.38 15.06 7.02
CA TYR A 185 12.58 15.06 6.19
C TYR A 185 12.19 15.06 4.72
N GLU A 186 12.78 15.97 3.96
CA GLU A 186 12.57 16.02 2.52
C GLU A 186 13.12 14.75 1.88
N LEU A 187 12.42 14.23 0.88
CA LEU A 187 12.91 13.03 0.17
C LEU A 187 14.04 13.38 -0.79
N PRO A 188 15.14 12.62 -0.74
CA PRO A 188 16.18 12.81 -1.76
C PRO A 188 15.61 12.45 -3.12
N ARG A 189 15.70 13.37 -4.09
CA ARG A 189 15.09 13.13 -5.40
C ARG A 189 15.69 11.96 -6.15
N SER A 190 16.95 11.64 -5.87
CA SER A 190 17.64 10.52 -6.52
C SER A 190 17.01 9.17 -6.18
N LEU A 191 16.21 9.12 -5.11
CA LEU A 191 15.55 7.89 -4.68
C LEU A 191 14.18 7.69 -5.31
N VAL A 192 13.60 8.78 -5.80
CA VAL A 192 12.21 8.76 -6.27
C VAL A 192 12.12 8.64 -7.79
N ILE A 193 11.66 7.49 -8.27
CA ILE A 193 11.40 7.35 -9.70
C ILE A 193 10.01 7.88 -10.05
N GLU A 194 9.94 8.75 -11.05
CA GLU A 194 8.66 9.23 -11.55
C GLU A 194 8.54 8.90 -13.03
N VAL A 195 7.32 8.75 -13.49
CA VAL A 195 7.04 8.36 -14.87
C VAL A 195 6.19 9.44 -15.57
N PRO A 196 6.75 10.08 -16.61
CA PRO A 196 5.95 11.00 -17.42
C PRO A 196 4.92 10.22 -18.22
N ILE A 197 3.68 10.70 -18.27
CA ILE A 197 2.64 9.96 -18.98
C ILE A 197 2.56 10.42 -20.44
N THR A 198 2.86 9.51 -21.36
CA THR A 198 2.71 9.76 -22.79
C THR A 198 1.83 8.67 -23.37
N HIS A 199 1.31 8.90 -24.58
CA HIS A 199 0.45 7.91 -25.24
C HIS A 199 1.24 7.31 -26.39
N PRO A 200 1.07 5.99 -26.62
CA PRO A 200 1.82 5.31 -27.68
C PRO A 200 1.52 5.83 -29.10
N ASP A 201 0.33 6.39 -29.32
CA ASP A 201 -0.08 6.79 -30.68
C ASP A 201 -0.39 8.28 -30.82
N ILE A 202 -0.72 8.93 -29.71
CA ILE A 202 -1.20 10.31 -29.75
C ILE A 202 -0.18 11.25 -29.12
N GLU A 203 0.57 11.96 -29.96
CA GLU A 203 1.65 12.81 -29.50
C GLU A 203 1.18 13.93 -28.59
N ALA A 204 -0.04 14.39 -28.81
CA ALA A 204 -0.57 15.52 -28.06
C ALA A 204 -0.79 15.20 -26.57
N PHE A 205 -0.81 13.92 -26.23
CA PHE A 205 -1.08 13.50 -24.86
C PHE A 205 -0.07 14.10 -23.87
N SER A 206 1.14 14.38 -24.35
CA SER A 206 2.18 14.93 -23.48
C SER A 206 1.87 16.38 -23.09
N ASP A 207 0.97 17.01 -23.82
CA ASP A 207 0.57 18.40 -23.52
C ASP A 207 -0.11 18.50 -22.16
N LEU A 208 -0.65 17.38 -21.68
CA LEU A 208 -1.28 17.33 -20.37
C LEU A 208 -0.24 17.41 -19.25
N GLU A 209 1.01 17.11 -19.59
CA GLU A 209 2.11 17.15 -18.63
C GLU A 209 1.79 16.34 -17.37
N LEU A 210 1.25 15.15 -17.56
CA LEU A 210 0.92 14.28 -16.45
C LEU A 210 2.15 13.45 -16.09
N LYS A 211 2.25 13.10 -14.81
CA LYS A 211 3.20 12.09 -14.37
C LYS A 211 2.68 11.41 -13.12
N TRP A 212 3.32 10.31 -12.73
CA TRP A 212 3.02 9.66 -11.46
C TRP A 212 4.28 9.04 -10.90
N TYR A 213 4.27 8.70 -9.60
CA TYR A 213 5.46 8.10 -8.99
C TYR A 213 5.48 6.60 -9.23
N GLY A 214 6.67 6.01 -9.27
CA GLY A 214 6.81 4.62 -9.63
C GLY A 214 6.32 3.62 -8.60
N VAL A 215 6.56 3.89 -7.32
CA VAL A 215 6.37 2.89 -6.28
C VAL A 215 5.39 3.32 -5.18
N PRO A 216 4.22 2.67 -5.11
CA PRO A 216 3.26 2.97 -4.04
C PRO A 216 3.67 2.24 -2.76
N ILE A 217 3.99 3.00 -1.71
CA ILE A 217 4.42 2.38 -0.47
C ILE A 217 3.51 2.78 0.68
N ILE A 218 2.55 1.91 1.01
CA ILE A 218 1.55 2.18 2.04
C ILE A 218 2.19 2.23 3.42
N SER A 219 2.06 3.36 4.11
CA SER A 219 2.77 3.52 5.36
C SER A 219 1.85 3.88 6.52
N ASP A 220 0.54 3.65 6.36
CA ASP A 220 -0.39 4.03 7.41
C ASP A 220 -1.32 2.90 7.86
N MET A 221 -1.02 1.66 7.47
CA MET A 221 -1.84 0.53 7.92
C MET A 221 -1.15 -0.28 8.99
N LYS A 222 -1.95 -0.91 9.85
CA LYS A 222 -1.42 -1.71 10.95
C LYS A 222 -1.30 -3.17 10.56
N LEU A 223 -0.10 -3.72 10.70
CA LEU A 223 0.11 -5.16 10.51
C LEU A 223 -0.14 -5.88 11.83
N GLU A 224 -1.07 -6.82 11.83
CA GLU A 224 -1.38 -7.55 13.05
C GLU A 224 -0.98 -9.02 12.92
N VAL A 225 -0.10 -9.46 13.80
CA VAL A 225 0.41 -10.82 13.76
C VAL A 225 0.38 -11.43 15.15
N GLY A 226 -0.48 -12.43 15.35
CA GLY A 226 -0.56 -13.13 16.61
C GLY A 226 -0.79 -12.25 17.82
N GLY A 227 -1.62 -11.23 17.65
CA GLY A 227 -1.96 -10.34 18.74
C GLY A 227 -0.95 -9.22 18.96
N ILE A 228 0.09 -9.18 18.14
CA ILE A 228 1.07 -8.10 18.21
C ILE A 228 0.70 -7.04 17.17
N HIS A 229 0.66 -5.78 17.60
CA HIS A 229 0.23 -4.69 16.72
C HIS A 229 1.41 -3.91 16.15
N TYR A 230 1.77 -4.21 14.91
CA TYR A 230 2.82 -3.46 14.22
C TYR A 230 2.18 -2.29 13.45
N ASN A 231 2.03 -1.16 14.15
CA ASN A 231 1.34 0.00 13.56
C ASN A 231 2.19 0.67 12.50
N ALA A 232 3.49 0.45 12.59
CA ALA A 232 4.44 1.06 11.67
C ALA A 232 5.14 -0.03 10.88
N ALA A 233 4.62 -0.32 9.70
CA ALA A 233 5.17 -1.38 8.86
C ALA A 233 4.85 -1.11 7.41
N PRO A 234 5.54 -0.12 6.82
CA PRO A 234 5.24 0.25 5.43
C PRO A 234 5.56 -0.88 4.44
N PHE A 235 4.69 -1.06 3.46
CA PHE A 235 4.84 -2.12 2.47
C PHE A 235 4.53 -1.60 1.06
N ASN A 236 5.09 -2.25 0.06
CA ASN A 236 4.85 -1.87 -1.33
C ASN A 236 4.74 -3.08 -2.27
N GLY A 237 4.04 -2.88 -3.37
CA GLY A 237 4.08 -3.78 -4.49
C GLY A 237 4.35 -2.88 -5.67
N TRP A 238 3.87 -3.29 -6.85
CA TRP A 238 3.84 -2.39 -8.00
C TRP A 238 2.38 -2.00 -8.23
N TYR A 239 2.14 -1.02 -9.11
CA TYR A 239 0.78 -0.59 -9.37
C TYR A 239 0.07 -1.52 -10.34
N MET A 240 -1.26 -1.61 -10.22
CA MET A 240 -2.08 -2.06 -11.32
C MET A 240 -2.47 -0.77 -12.04
N GLY A 241 -2.40 -0.75 -13.37
CA GLY A 241 -2.58 0.49 -14.13
C GLY A 241 -3.82 1.31 -13.78
N THR A 242 -4.93 0.62 -13.56
CA THR A 242 -6.21 1.28 -13.29
C THR A 242 -6.19 2.17 -12.06
N GLU A 243 -5.30 1.86 -11.11
CA GLU A 243 -5.24 2.64 -9.88
C GLU A 243 -4.86 4.08 -10.18
N ILE A 244 -4.04 4.24 -11.22
CA ILE A 244 -3.56 5.55 -11.63
C ILE A 244 -4.47 6.13 -12.71
N GLY A 245 -4.72 5.35 -13.76
CA GLY A 245 -5.46 5.83 -14.92
C GLY A 245 -6.96 5.97 -14.72
N ALA A 246 -7.54 5.16 -13.85
CA ALA A 246 -9.00 5.16 -13.69
C ALA A 246 -9.45 5.83 -12.41
N ARG A 247 -8.52 6.04 -11.47
CA ARG A 247 -8.88 6.63 -10.18
C ARG A 247 -8.04 7.88 -9.83
N ASN A 248 -6.74 7.70 -9.61
CA ASN A 248 -5.91 8.81 -9.15
C ASN A 248 -5.93 10.01 -10.08
N LEU A 249 -5.85 9.75 -11.37
CA LEU A 249 -5.87 10.81 -12.38
C LEU A 249 -7.28 11.12 -12.89
N ALA A 250 -8.23 10.22 -12.62
CA ALA A 250 -9.57 10.32 -13.21
C ALA A 250 -10.67 10.82 -12.29
N ASP A 251 -10.62 10.44 -11.01
CA ASP A 251 -11.68 10.81 -10.07
C ASP A 251 -11.88 12.32 -10.03
N GLU A 252 -13.13 12.76 -9.92
CA GLU A 252 -13.42 14.19 -9.83
C GLU A 252 -12.82 14.80 -8.57
N LYS A 253 -12.71 14.01 -7.52
CA LYS A 253 -12.15 14.48 -6.25
C LYS A 253 -10.65 14.23 -6.16
N ARG A 254 -10.06 13.77 -7.25
CA ARG A 254 -8.61 13.64 -7.34
C ARG A 254 -8.10 14.58 -8.42
N TYR A 255 -7.30 14.09 -9.36
CA TYR A 255 -6.76 14.98 -10.39
C TYR A 255 -7.76 15.39 -11.49
N ASP A 256 -8.85 14.64 -11.62
CA ASP A 256 -9.99 15.06 -12.46
C ASP A 256 -9.59 15.41 -13.91
N LYS A 257 -8.89 14.50 -14.58
CA LYS A 257 -8.30 14.84 -15.88
C LYS A 257 -9.08 14.40 -17.13
N LEU A 258 -10.25 13.78 -16.95
CA LEU A 258 -10.93 13.17 -18.10
C LEU A 258 -11.34 14.15 -19.22
N LYS A 259 -11.80 15.34 -18.86
CA LYS A 259 -12.17 16.33 -19.88
C LYS A 259 -10.94 16.77 -20.67
N LYS A 260 -9.81 16.91 -19.98
CA LYS A 260 -8.58 17.28 -20.66
C LYS A 260 -8.06 16.13 -21.52
N VAL A 261 -8.28 14.89 -21.08
CA VAL A 261 -7.89 13.74 -21.88
C VAL A 261 -8.72 13.71 -23.17
N ALA A 262 -10.02 13.93 -23.04
CA ALA A 262 -10.92 13.93 -24.19
C ALA A 262 -10.46 14.95 -25.22
N SER A 263 -10.10 16.13 -24.75
CA SER A 263 -9.62 17.20 -25.62
C SER A 263 -8.37 16.80 -26.41
N VAL A 264 -7.36 16.26 -25.73
CA VAL A 264 -6.10 15.92 -26.42
C VAL A 264 -6.21 14.71 -27.33
N ILE A 265 -7.16 13.82 -27.07
CA ILE A 265 -7.33 12.68 -27.97
C ILE A 265 -8.32 13.03 -29.07
N GLY A 266 -8.82 14.27 -29.04
CA GLY A 266 -9.63 14.78 -30.13
C GLY A 266 -11.06 14.32 -30.21
N ILE A 267 -11.68 14.04 -29.08
CA ILE A 267 -13.12 13.73 -29.07
C ILE A 267 -13.91 14.77 -28.29
N ALA A 268 -15.18 14.91 -28.64
CA ALA A 268 -16.08 15.82 -27.95
C ALA A 268 -16.40 15.30 -26.54
N ALA A 269 -16.57 16.21 -25.60
CA ALA A 269 -16.97 15.84 -24.25
C ALA A 269 -18.31 16.47 -23.92
N ASP A 270 -19.24 16.38 -24.87
CA ASP A 270 -20.52 17.08 -24.77
C ASP A 270 -21.70 16.18 -24.41
N TYR A 271 -21.71 14.95 -24.91
CA TYR A 271 -22.89 14.08 -24.76
C TYR A 271 -22.59 12.77 -24.03
N ASN A 272 -23.42 12.42 -23.04
CA ASN A 272 -23.27 11.16 -22.32
C ASN A 272 -23.29 9.96 -23.28
N THR A 273 -24.18 10.02 -24.27
CA THR A 273 -24.33 8.93 -25.23
C THR A 273 -23.12 8.69 -26.14
N ASP A 274 -22.17 9.63 -26.17
CA ASP A 274 -20.94 9.45 -26.93
C ASP A 274 -19.95 8.58 -26.18
N LEU A 275 -20.25 8.32 -24.90
CA LEU A 275 -19.36 7.59 -24.00
C LEU A 275 -17.94 8.16 -24.02
N TRP A 276 -17.84 9.49 -24.02
CA TRP A 276 -16.53 10.13 -24.08
C TRP A 276 -15.72 9.87 -22.81
N LYS A 277 -16.38 9.75 -21.67
CA LYS A 277 -15.66 9.46 -20.43
C LYS A 277 -15.05 8.06 -20.49
N ASP A 278 -15.82 7.13 -21.04
CA ASP A 278 -15.35 5.74 -21.17
C ASP A 278 -14.16 5.68 -22.11
N GLN A 279 -14.27 6.36 -23.24
CA GLN A 279 -13.21 6.38 -24.23
C GLN A 279 -11.97 7.04 -23.66
N ALA A 280 -12.16 8.20 -23.03
CA ALA A 280 -11.06 8.90 -22.36
C ALA A 280 -10.38 8.02 -21.32
N LEU A 281 -11.19 7.30 -20.53
CA LEU A 281 -10.63 6.38 -19.53
C LEU A 281 -9.74 5.29 -20.14
N VAL A 282 -10.20 4.71 -21.24
CA VAL A 282 -9.41 3.67 -21.90
C VAL A 282 -8.08 4.23 -22.40
N GLU A 283 -8.11 5.39 -23.05
CA GLU A 283 -6.89 5.97 -23.61
C GLU A 283 -5.91 6.41 -22.52
N LEU A 284 -6.43 6.96 -21.43
CA LEU A 284 -5.58 7.37 -20.30
C LEU A 284 -4.95 6.15 -19.65
N ASN A 285 -5.71 5.06 -19.55
CA ASN A 285 -5.18 3.83 -18.98
C ASN A 285 -4.16 3.14 -19.90
N LYS A 286 -4.36 3.26 -21.21
CA LYS A 286 -3.39 2.75 -22.16
C LYS A 286 -2.09 3.54 -22.02
N ALA A 287 -2.22 4.86 -21.87
CA ALA A 287 -1.06 5.73 -21.73
C ALA A 287 -0.24 5.39 -20.50
N VAL A 288 -0.92 5.16 -19.38
CA VAL A 288 -0.24 4.82 -18.13
C VAL A 288 0.59 3.53 -18.25
N LEU A 289 -0.01 2.49 -18.82
CA LEU A 289 0.70 1.22 -19.00
C LEU A 289 1.89 1.38 -19.94
N HIS A 290 1.65 2.07 -21.05
CA HIS A 290 2.70 2.31 -22.03
C HIS A 290 3.87 3.06 -21.41
N SER A 291 3.56 4.07 -20.60
CA SER A 291 4.58 4.94 -20.03
C SER A 291 5.44 4.22 -19.00
N TYR A 292 4.81 3.47 -18.10
CA TYR A 292 5.56 2.69 -17.13
C TYR A 292 6.45 1.65 -17.80
N LYS A 293 5.91 0.95 -18.80
CA LYS A 293 6.68 -0.02 -19.57
C LYS A 293 7.87 0.63 -20.25
N LYS A 294 7.62 1.76 -20.91
CA LYS A 294 8.66 2.48 -21.63
C LYS A 294 9.83 2.89 -20.71
N GLN A 295 9.51 3.23 -19.47
CA GLN A 295 10.53 3.67 -18.53
C GLN A 295 11.20 2.51 -17.77
N GLY A 296 10.73 1.29 -18.00
CA GLY A 296 11.28 0.15 -17.28
C GLY A 296 10.89 0.13 -15.80
N VAL A 297 9.66 0.58 -15.52
CA VAL A 297 9.13 0.54 -14.17
C VAL A 297 7.98 -0.47 -14.14
N SER A 298 8.04 -1.42 -13.21
CA SER A 298 7.04 -2.48 -13.10
C SER A 298 5.62 -1.95 -12.97
N ILE A 299 4.70 -2.64 -13.65
CA ILE A 299 3.29 -2.33 -13.58
C ILE A 299 2.55 -3.55 -14.11
N VAL A 300 1.28 -3.69 -13.74
CA VAL A 300 0.48 -4.78 -14.26
C VAL A 300 -0.86 -4.22 -14.75
N ASP A 301 -1.37 -4.73 -15.86
CA ASP A 301 -2.70 -4.33 -16.33
C ASP A 301 -3.75 -5.14 -15.59
N HIS A 302 -5.00 -4.70 -15.64
CA HIS A 302 -6.04 -5.36 -14.84
C HIS A 302 -6.41 -6.76 -15.34
N HIS A 303 -6.22 -7.03 -16.63
CA HIS A 303 -6.53 -8.35 -17.19
C HIS A 303 -5.52 -9.40 -16.72
N THR A 304 -4.24 -9.03 -16.81
CA THR A 304 -3.15 -9.90 -16.34
C THR A 304 -3.27 -10.12 -14.83
N ALA A 305 -3.54 -9.05 -14.09
CA ALA A 305 -3.68 -9.16 -12.63
C ALA A 305 -4.83 -10.08 -12.26
N ALA A 306 -5.96 -9.96 -12.95
CA ALA A 306 -7.09 -10.85 -12.72
C ALA A 306 -6.74 -12.31 -13.04
N SER A 307 -5.99 -12.53 -14.11
CA SER A 307 -5.52 -13.88 -14.46
C SER A 307 -4.65 -14.45 -13.33
N GLN A 308 -3.76 -13.62 -12.81
CA GLN A 308 -2.92 -14.02 -11.69
C GLN A 308 -3.75 -14.35 -10.46
N PHE A 309 -4.75 -13.53 -10.17
CA PHE A 309 -5.64 -13.76 -9.03
C PHE A 309 -6.42 -15.07 -9.17
N LYS A 310 -6.81 -15.40 -10.39
CA LYS A 310 -7.43 -16.70 -10.67
C LYS A 310 -6.49 -17.83 -10.23
N ARG A 311 -5.21 -17.67 -10.56
CA ARG A 311 -4.22 -18.67 -10.17
C ARG A 311 -4.12 -18.75 -8.65
N PHE A 312 -4.22 -17.59 -7.98
CA PHE A 312 -4.24 -17.54 -6.53
C PHE A 312 -5.42 -18.34 -5.96
N GLU A 313 -6.59 -18.17 -6.58
CA GLU A 313 -7.77 -18.94 -6.18
C GLU A 313 -7.54 -20.44 -6.35
N GLU A 314 -6.94 -20.81 -7.47
CA GLU A 314 -6.65 -22.22 -7.74
C GLU A 314 -5.60 -22.75 -6.77
N GLN A 315 -4.60 -21.93 -6.46
CA GLN A 315 -3.56 -22.32 -5.51
C GLN A 315 -4.15 -22.59 -4.13
N ALA A 316 -5.06 -21.73 -3.70
CA ALA A 316 -5.71 -21.88 -2.39
C ALA A 316 -6.52 -23.17 -2.33
N GLU A 317 -7.31 -23.42 -3.36
CA GLU A 317 -8.11 -24.63 -3.46
C GLU A 317 -7.22 -25.87 -3.35
N GLU A 318 -6.09 -25.86 -4.06
CA GLU A 318 -5.18 -27.00 -4.06
C GLU A 318 -4.49 -27.21 -2.71
N ALA A 319 -4.22 -26.11 -2.00
CA ALA A 319 -3.55 -26.19 -0.70
C ALA A 319 -4.54 -26.43 0.44
N GLY A 320 -5.82 -26.49 0.11
CA GLY A 320 -6.86 -26.70 1.12
C GLY A 320 -7.15 -25.50 2.01
N ARG A 321 -6.77 -24.30 1.57
CA ARG A 321 -7.05 -23.08 2.33
C ARG A 321 -8.35 -22.42 1.90
N LYS A 322 -9.13 -21.94 2.87
CA LYS A 322 -10.28 -21.10 2.58
C LYS A 322 -9.81 -19.86 1.83
N LEU A 323 -10.55 -19.47 0.81
CA LEU A 323 -10.27 -18.21 0.11
C LEU A 323 -11.21 -17.13 0.61
N THR A 324 -10.68 -15.97 0.98
CA THR A 324 -11.52 -14.84 1.31
C THR A 324 -11.23 -13.67 0.39
N GLY A 325 -12.27 -12.86 0.11
CA GLY A 325 -12.09 -11.72 -0.77
C GLY A 325 -13.24 -10.73 -0.66
N ASP A 326 -12.97 -9.49 -1.07
CA ASP A 326 -13.97 -8.44 -1.12
C ASP A 326 -14.28 -8.15 -2.58
N TRP A 327 -15.36 -8.72 -3.09
CA TRP A 327 -15.76 -8.56 -4.49
C TRP A 327 -15.75 -7.11 -4.92
N THR A 328 -16.27 -6.22 -4.07
CA THR A 328 -16.40 -4.80 -4.42
C THR A 328 -15.08 -4.09 -4.66
N TRP A 329 -13.99 -4.61 -4.09
CA TRP A 329 -12.66 -4.02 -4.28
C TRP A 329 -11.81 -4.78 -5.30
N LEU A 330 -12.07 -6.07 -5.44
CA LEU A 330 -11.30 -6.91 -6.36
C LEU A 330 -11.61 -6.59 -7.83
N ILE A 331 -12.86 -6.29 -8.15
CA ILE A 331 -13.20 -5.93 -9.53
C ILE A 331 -12.48 -4.64 -9.90
N PRO A 332 -11.85 -4.60 -11.08
CA PRO A 332 -11.18 -3.38 -11.52
C PRO A 332 -12.21 -2.32 -11.92
N PRO A 333 -11.84 -1.04 -11.84
CA PRO A 333 -12.79 0.05 -12.14
C PRO A 333 -12.98 0.29 -13.64
N ILE A 334 -12.29 -0.46 -14.50
CA ILE A 334 -12.65 -0.45 -15.92
C ILE A 334 -12.80 -1.86 -16.47
N SER A 335 -13.80 -2.04 -17.35
CA SER A 335 -14.20 -3.35 -17.86
C SER A 335 -14.21 -4.48 -16.82
N PRO A 336 -14.87 -4.27 -15.67
CA PRO A 336 -14.82 -5.34 -14.67
C PRO A 336 -15.46 -6.66 -15.13
N ALA A 337 -16.51 -6.57 -15.93
CA ALA A 337 -17.20 -7.77 -16.40
C ALA A 337 -16.37 -8.57 -17.41
N ALA A 338 -15.24 -8.00 -17.86
CA ALA A 338 -14.33 -8.75 -18.73
C ALA A 338 -13.36 -9.60 -17.92
N THR A 339 -13.46 -9.55 -16.59
CA THR A 339 -12.63 -10.40 -15.74
C THR A 339 -13.48 -11.49 -15.10
N HIS A 340 -12.87 -12.60 -14.69
CA HIS A 340 -13.62 -13.70 -14.09
C HIS A 340 -14.17 -13.30 -12.73
N ILE A 341 -13.45 -12.39 -12.06
CA ILE A 341 -13.81 -11.91 -10.73
C ILE A 341 -15.26 -11.46 -10.67
N PHE A 342 -15.67 -10.64 -11.63
CA PHE A 342 -17.02 -10.10 -11.72
C PHE A 342 -18.09 -11.19 -11.69
N HIS A 343 -17.76 -12.36 -12.22
CA HIS A 343 -18.74 -13.42 -12.43
C HIS A 343 -18.76 -14.51 -11.35
N ARG A 344 -18.02 -14.31 -10.26
CA ARG A 344 -18.17 -15.18 -9.10
C ARG A 344 -18.28 -14.36 -7.83
N SER A 345 -18.48 -15.04 -6.71
CA SER A 345 -18.62 -14.37 -5.42
C SER A 345 -17.50 -14.77 -4.47
N TYR A 346 -17.27 -13.95 -3.45
CA TYR A 346 -16.19 -14.19 -2.50
C TYR A 346 -16.67 -14.01 -1.05
N ASP A 347 -16.18 -14.89 -0.17
CA ASP A 347 -16.42 -14.78 1.26
C ASP A 347 -15.57 -13.62 1.82
N ASN A 348 -16.22 -12.58 2.35
CA ASN A 348 -15.48 -11.42 2.86
C ASN A 348 -15.11 -11.50 4.36
N SER A 349 -14.94 -12.71 4.88
CA SER A 349 -14.56 -12.89 6.28
C SER A 349 -13.16 -12.34 6.58
N ILE A 350 -12.99 -11.79 7.78
CA ILE A 350 -11.69 -11.28 8.20
C ILE A 350 -10.85 -12.39 8.83
N VAL A 351 -9.71 -12.70 8.22
CA VAL A 351 -8.78 -13.69 8.78
C VAL A 351 -7.46 -13.00 9.16
N LYS A 352 -6.92 -13.34 10.32
CA LYS A 352 -5.64 -12.79 10.76
C LYS A 352 -4.55 -13.86 10.67
N PRO A 353 -3.28 -13.46 10.47
CA PRO A 353 -2.72 -12.09 10.38
C PRO A 353 -3.30 -11.28 9.22
N ASN A 354 -3.26 -9.96 9.35
CA ASN A 354 -3.83 -9.09 8.33
C ASN A 354 -3.34 -7.65 8.47
N TYR A 355 -3.67 -6.83 7.48
CA TYR A 355 -3.38 -5.38 7.52
C TYR A 355 -4.69 -4.63 7.76
N PHE A 356 -4.67 -3.67 8.68
CA PHE A 356 -5.89 -2.94 9.04
C PHE A 356 -5.69 -1.42 8.99
N TYR A 357 -6.79 -0.70 8.76
CA TYR A 357 -6.82 0.75 8.88
C TYR A 357 -6.60 1.11 10.34
N GLN A 358 -6.04 2.29 10.58
CA GLN A 358 -5.94 2.83 11.94
C GLN A 358 -6.18 4.33 11.89
N ASP A 359 -6.53 4.91 13.03
CA ASP A 359 -6.81 6.34 13.08
C ASP A 359 -5.61 7.18 12.66
N LYS A 360 -5.88 8.26 11.92
CA LYS A 360 -4.84 9.21 11.55
C LYS A 360 -4.47 10.08 12.76
N PRO A 361 -3.16 10.33 12.94
CA PRO A 361 -2.68 11.14 14.08
C PRO A 361 -2.90 12.64 13.90
N TYR A 362 -3.26 13.06 12.69
CA TYR A 362 -3.65 14.44 12.42
C TYR A 362 -5.13 14.44 12.07
N GLU A 363 -5.63 15.54 11.51
CA GLU A 363 -7.07 15.72 11.27
C GLU A 363 -7.86 15.70 12.58
CHA HEM B . -5.20 -3.49 -2.17
CHB HEM B . -2.81 -4.67 -6.23
CHC HEM B . 0.95 -6.16 -3.53
CHD HEM B . -1.69 -5.53 0.48
C1A HEM B . -4.75 -3.59 -3.46
C2A HEM B . -5.39 -2.91 -4.52
C3A HEM B . -4.73 -3.23 -5.66
C4A HEM B . -3.68 -4.13 -5.31
CMA HEM B . -5.04 -2.76 -7.06
CAA HEM B . -6.59 -1.97 -4.41
CBA HEM B . -6.08 -0.58 -3.96
CGA HEM B . -7.08 0.54 -4.09
O1A HEM B . -8.04 0.49 -4.90
O2A HEM B . -6.95 1.56 -3.37
C1B HEM B . -1.57 -5.13 -5.82
C2B HEM B . -0.50 -5.38 -6.74
C3B HEM B . 0.57 -5.81 -6.03
C4B HEM B . 0.11 -5.81 -4.60
CMB HEM B . -0.55 -5.21 -8.23
CAB HEM B . 1.89 -6.16 -6.61
CBB HEM B . 2.76 -7.01 -6.06
C1C HEM B . 0.61 -6.05 -2.19
C2C HEM B . 1.49 -6.20 -1.10
C3C HEM B . 0.73 -6.02 0.07
C4C HEM B . -0.61 -5.76 -0.35
CMC HEM B . 2.96 -6.49 -1.21
CAC HEM B . 1.21 -6.08 1.47
CBC HEM B . 2.13 -6.93 1.94
C1D HEM B . -2.85 -4.88 0.02
C2D HEM B . -3.82 -4.33 0.97
C3D HEM B . -4.79 -3.76 0.25
C4D HEM B . -4.41 -3.98 -1.15
CMD HEM B . -3.75 -4.37 2.48
CAD HEM B . -6.03 -3.06 0.80
CBD HEM B . -5.84 -1.56 0.97
CGD HEM B . -7.08 -0.85 1.49
O1D HEM B . -7.17 0.38 1.39
O2D HEM B . -8.01 -1.49 2.04
NA HEM B . -3.70 -4.35 -3.95
NB HEM B . -1.16 -5.37 -4.57
NC HEM B . -0.63 -5.80 -1.71
ND HEM B . -3.23 -4.62 -1.25
FE HEM B . -2.32 -5.23 -2.79
N1 H4B C . -12.35 -0.81 -5.17
C2 H4B C . -11.03 -0.43 -5.14
N2 H4B C . -10.11 -1.27 -5.66
N3 H4B C . -10.64 0.75 -4.63
C4 H4B C . -11.52 1.63 -4.11
O4 H4B C . -11.14 2.72 -3.63
C4A H4B C . -12.95 1.27 -4.11
C8A H4B C . -13.32 -0.03 -4.69
N5 H4B C . -13.91 2.07 -3.61
N8 H4B C . -14.62 -0.42 -4.73
C6 H4B C . -15.10 1.38 -3.14
C7 H4B C . -15.64 0.49 -4.27
C9 H4B C . -16.13 2.38 -2.61
O9 H4B C . -16.29 3.45 -3.56
C10 H4B C . -17.49 1.74 -2.35
C11 H4B C . -18.48 2.76 -1.81
O10 H4B C . -17.36 0.66 -1.40
CL CL D . -2.34 5.11 -5.04
C22 H49 E . -6.84 6.62 -2.10
C21 H49 E . -8.35 6.76 -2.23
C20 H49 E . -8.87 5.68 -1.27
N19 H49 E . -7.69 4.88 -0.91
C18 H49 E . -6.76 5.12 -2.02
C17 H49 E . -5.33 4.68 -1.67
N16 H49 E . -5.16 3.22 -1.79
C15 H49 E . -3.75 2.94 -1.50
C12 H49 E . -3.39 1.62 -1.76
C13 H49 E . -2.83 1.27 -2.99
C11 H49 E . -3.56 0.66 -0.78
C10 H49 E . -3.17 -0.66 -1.01
C09 H49 E . -2.65 -1.01 -2.24
C08 H49 E . -2.46 -0.05 -3.24
N07 H49 E . -1.97 -0.39 -4.44
C06 H49 E . -0.81 -1.04 -4.65
N14 H49 E . -0.47 -1.44 -5.88
C05 H49 E . 0.01 -1.30 -3.62
S01 H49 E . 0.58 -2.80 -3.29
C02 H49 E . 1.44 -2.31 -1.91
C03 H49 E . 1.24 -0.99 -1.76
C04 H49 E . 0.46 -0.41 -2.71
C1 GOL F . -8.75 -2.40 6.86
O1 GOL F . -9.62 -2.36 8.00
C2 GOL F . -9.13 -3.53 5.92
O2 GOL F . -9.28 -4.76 6.65
C3 GOL F . -8.02 -3.71 4.89
O3 GOL F . -8.44 -3.23 3.62
C1 GOL G . 5.22 -6.17 -12.95
O1 GOL G . 6.24 -5.80 -13.87
C2 GOL G . 4.89 -7.65 -13.09
O2 GOL G . 6.02 -8.33 -13.68
C3 GOL G . 3.64 -7.78 -13.97
O3 GOL G . 3.04 -9.09 -13.83
#